data_2Z6G
#
_entry.id   2Z6G
#
_cell.length_a   71.623
_cell.length_b   112.819
_cell.length_c   123.091
_cell.angle_alpha   90.00
_cell.angle_beta   90.00
_cell.angle_gamma   90.00
#
_symmetry.space_group_name_H-M   'P 21 21 21'
#
_entity_poly.entity_id   1
_entity_poly.type   'polypeptide(L)'
_entity_poly.pdbx_seq_one_letter_code
;MATQSDLMELEMAMDPDRKAAVSHWQQQSYLDSGIHSGATTTAPSLSGKGNPEDDDVDNQVLYEWEQGFNQSFNQEQVAD
IDGQYAMTRAQRVRAAMFPETLDEGMQIPSTQFDSAHPTNVQRLAEPSQMLKHAVVNLINYQDDAELATRAIPELTKLLN
DEDQVVVNKAAVMVHQLSKKEASRHAIMRSPQMVSAIVRTMQNTNDVETARCTSGTLHNLSHHREGLLAIFKSGGIPALV
NMLGSPVDSVLFHAITTLHNLLLHQEGAKMAVRLAGGLQKMVALLNKTNVKFLAITTDCLQILAYGNQESKLIILASGGP
QALVNIMRTYTYEKLLWTTSRVLKVLSVCSSNKPAIVEAGGMQALGLHLTDPSQRLVQNCLWTLRNLSDAATKQEGMEGL
LGTLVQLLGSDDINVVTCAAGILSNLTCNNYKNKMMVCQVGGIEALVRTVLRAGDREDITEPAICALRHLTSRHQDAEMA
QNAVRLHYGLPVVVKLLHPPSHWPLIKATVGLIRNLALCPANHAPLREQGAIPRLVQLLVRAHQDTQRRTSMGGTQQQFV
EGVRMEEIVEACTGALHILARDIHNRIVIRGLNTIPLFVQLLYSPIENIQRVAAGVLCELAQDKEAAEAIEAEGATAPLT
ELLHSRNEGVATYAAAVLFRMSEDKPQDYKKRLSVELTSSLFRTEPMTWNETGDLGLDIGAQGEPLGYRQDDPSYRSFHS
GGYGQDAMGMDPMMEHEMAGHHPGPDYPVDGLPDLGHTQDLIDGLPPGDSNQLAWFDTDL
;
_entity_poly.pdbx_strand_id   A
#
# COMPACT_ATOMS: atom_id res chain seq x y z
N GLU A 126 -60.42 3.16 -15.95
CA GLU A 126 -59.07 2.51 -15.85
C GLU A 126 -58.42 2.47 -17.23
N PRO A 127 -59.15 2.01 -18.26
CA PRO A 127 -58.55 1.95 -19.59
C PRO A 127 -58.51 3.31 -20.29
N SER A 128 -58.64 4.38 -19.52
CA SER A 128 -58.63 5.73 -20.07
C SER A 128 -57.39 6.54 -19.69
N GLN A 129 -57.39 7.08 -18.48
CA GLN A 129 -56.27 7.86 -18.01
C GLN A 129 -55.99 7.60 -16.55
N MET A 130 -55.11 8.41 -15.97
CA MET A 130 -54.73 8.29 -14.57
C MET A 130 -55.73 9.02 -13.68
N LEU A 131 -56.73 9.64 -14.30
CA LEU A 131 -57.77 10.36 -13.57
C LEU A 131 -58.70 9.34 -12.92
N LYS A 132 -58.75 8.17 -13.53
CA LYS A 132 -59.58 7.07 -13.06
C LYS A 132 -58.74 6.16 -12.16
N HIS A 133 -57.51 5.91 -12.57
CA HIS A 133 -56.60 5.07 -11.80
C HIS A 133 -56.47 5.65 -10.39
N ALA A 134 -56.44 6.98 -10.32
CA ALA A 134 -56.31 7.68 -9.04
C ALA A 134 -57.44 7.32 -8.08
N VAL A 135 -58.69 7.42 -8.55
CA VAL A 135 -59.83 7.12 -7.70
C VAL A 135 -59.79 5.64 -7.30
N VAL A 136 -59.04 4.85 -8.06
CA VAL A 136 -58.91 3.43 -7.77
C VAL A 136 -57.81 3.25 -6.72
N ASN A 137 -56.65 3.84 -6.99
CA ASN A 137 -55.52 3.75 -6.07
C ASN A 137 -55.90 4.32 -4.70
N LEU A 138 -56.80 5.29 -4.71
CA LEU A 138 -57.25 5.93 -3.47
C LEU A 138 -58.33 5.11 -2.78
N ILE A 139 -59.17 4.46 -3.58
CA ILE A 139 -60.26 3.65 -3.03
C ILE A 139 -59.74 2.37 -2.37
N ASN A 140 -58.69 1.78 -2.93
CA ASN A 140 -58.16 0.55 -2.36
C ASN A 140 -57.02 0.77 -1.37
N TYR A 141 -56.38 1.93 -1.43
CA TYR A 141 -55.29 2.23 -0.50
C TYR A 141 -55.87 2.37 0.90
N GLN A 142 -56.61 3.45 1.12
CA GLN A 142 -57.23 3.71 2.41
C GLN A 142 -58.09 2.51 2.80
N ASP A 143 -58.42 1.71 1.78
CA ASP A 143 -59.23 0.52 1.98
C ASP A 143 -58.41 -0.55 2.71
N ASP A 144 -57.37 -1.04 2.04
CA ASP A 144 -56.51 -2.05 2.65
C ASP A 144 -55.74 -1.44 3.81
N ALA A 145 -55.62 -0.12 3.81
CA ALA A 145 -54.91 0.61 4.85
C ALA A 145 -55.62 0.47 6.19
N GLU A 146 -56.90 0.82 6.23
CA GLU A 146 -57.68 0.74 7.45
C GLU A 146 -57.94 -0.70 7.86
N LEU A 147 -57.90 -1.61 6.89
CA LEU A 147 -58.13 -3.02 7.17
C LEU A 147 -57.07 -3.48 8.17
N ALA A 148 -55.84 -3.03 7.96
CA ALA A 148 -54.73 -3.39 8.82
C ALA A 148 -54.87 -2.81 10.22
N THR A 149 -55.12 -1.51 10.31
CA THR A 149 -55.28 -0.84 11.60
C THR A 149 -56.37 -1.54 12.40
N ARG A 150 -57.10 -2.44 11.74
CA ARG A 150 -58.19 -3.17 12.38
C ARG A 150 -57.79 -4.62 12.67
N ALA A 151 -56.72 -5.08 12.03
CA ALA A 151 -56.25 -6.45 12.21
C ALA A 151 -54.87 -6.54 12.87
N ILE A 152 -54.09 -5.48 12.75
CA ILE A 152 -52.74 -5.45 13.33
C ILE A 152 -52.74 -5.86 14.80
N PRO A 153 -53.55 -5.19 15.64
CA PRO A 153 -53.60 -5.52 17.07
C PRO A 153 -53.80 -7.02 17.29
N GLU A 154 -54.73 -7.60 16.53
CA GLU A 154 -55.04 -9.02 16.65
C GLU A 154 -53.81 -9.88 16.31
N LEU A 155 -53.42 -9.87 15.04
CA LEU A 155 -52.27 -10.64 14.59
C LEU A 155 -51.10 -10.54 15.57
N THR A 156 -50.91 -9.34 16.13
CA THR A 156 -49.85 -9.12 17.09
C THR A 156 -49.95 -10.16 18.20
N LYS A 157 -51.16 -10.35 18.70
CA LYS A 157 -51.43 -11.32 19.76
C LYS A 157 -51.20 -12.74 19.27
N LEU A 158 -51.64 -13.02 18.05
CA LEU A 158 -51.46 -14.36 17.48
C LEU A 158 -49.99 -14.77 17.47
N LEU A 159 -49.11 -13.79 17.34
CA LEU A 159 -47.67 -14.07 17.34
C LEU A 159 -47.20 -14.37 18.76
N ASN A 160 -47.61 -13.53 19.70
CA ASN A 160 -47.23 -13.71 21.10
C ASN A 160 -47.81 -15.01 21.62
N ASP A 161 -48.89 -15.46 20.99
CA ASP A 161 -49.58 -16.69 21.37
C ASP A 161 -48.60 -17.85 21.57
N GLU A 162 -48.93 -18.75 22.50
CA GLU A 162 -48.08 -19.90 22.79
C GLU A 162 -48.17 -20.98 21.72
N ASP A 163 -49.40 -21.41 21.42
CA ASP A 163 -49.59 -22.44 20.40
C ASP A 163 -48.74 -22.11 19.17
N GLN A 164 -47.74 -22.95 18.93
CA GLN A 164 -46.82 -22.77 17.81
C GLN A 164 -47.53 -22.64 16.45
N VAL A 165 -48.43 -23.56 16.15
CA VAL A 165 -49.15 -23.55 14.88
C VAL A 165 -49.92 -22.24 14.65
N VAL A 166 -50.40 -21.64 15.73
CA VAL A 166 -51.15 -20.39 15.63
C VAL A 166 -50.26 -19.25 15.15
N VAL A 167 -49.14 -19.06 15.84
CA VAL A 167 -48.19 -18.01 15.49
C VAL A 167 -47.80 -18.10 14.01
N ASN A 168 -47.52 -19.31 13.56
CA ASN A 168 -47.14 -19.55 12.17
C ASN A 168 -48.11 -18.86 11.22
N LYS A 169 -49.39 -19.22 11.33
CA LYS A 169 -50.42 -18.64 10.48
C LYS A 169 -50.35 -17.11 10.52
N ALA A 170 -50.19 -16.57 11.73
CA ALA A 170 -50.10 -15.13 11.90
C ALA A 170 -48.95 -14.55 11.08
N ALA A 171 -47.75 -15.11 11.28
CA ALA A 171 -46.57 -14.66 10.56
C ALA A 171 -46.83 -14.62 9.05
N VAL A 172 -47.51 -15.63 8.54
CA VAL A 172 -47.82 -15.70 7.12
C VAL A 172 -48.80 -14.60 6.71
N MET A 173 -49.71 -14.25 7.63
CA MET A 173 -50.68 -13.21 7.36
C MET A 173 -50.04 -11.82 7.43
N VAL A 174 -49.22 -11.61 8.47
CA VAL A 174 -48.53 -10.33 8.64
C VAL A 174 -47.62 -10.08 7.43
N HIS A 175 -46.95 -11.14 6.98
CA HIS A 175 -46.06 -11.05 5.83
C HIS A 175 -46.83 -10.68 4.57
N GLN A 176 -48.05 -11.21 4.46
CA GLN A 176 -48.88 -10.95 3.28
C GLN A 176 -49.40 -9.51 3.33
N LEU A 177 -49.31 -8.89 4.50
CA LEU A 177 -49.76 -7.51 4.68
C LEU A 177 -48.65 -6.53 4.35
N SER A 178 -47.42 -6.92 4.65
CA SER A 178 -46.25 -6.06 4.39
C SER A 178 -46.14 -5.78 2.90
N LYS A 179 -46.54 -6.76 2.08
CA LYS A 179 -46.48 -6.61 0.64
C LYS A 179 -47.28 -5.40 0.19
N LYS A 180 -48.44 -5.19 0.82
CA LYS A 180 -49.31 -4.06 0.49
C LYS A 180 -48.79 -2.78 1.13
N GLU A 181 -48.65 -1.74 0.33
CA GLU A 181 -48.16 -0.45 0.82
C GLU A 181 -49.00 0.06 2.00
N ALA A 182 -50.31 0.13 1.80
CA ALA A 182 -51.22 0.60 2.84
C ALA A 182 -51.01 -0.13 4.15
N SER A 183 -51.11 -1.46 4.11
CA SER A 183 -50.93 -2.28 5.30
C SER A 183 -49.50 -2.17 5.82
N ARG A 184 -48.56 -1.97 4.91
CA ARG A 184 -47.15 -1.85 5.26
C ARG A 184 -46.92 -0.74 6.27
N HIS A 185 -47.25 0.49 5.89
CA HIS A 185 -47.08 1.64 6.80
C HIS A 185 -47.69 1.36 8.16
N ALA A 186 -48.82 0.67 8.18
CA ALA A 186 -49.49 0.35 9.44
C ALA A 186 -48.55 -0.46 10.31
N ILE A 187 -48.10 -1.60 9.78
CA ILE A 187 -47.18 -2.47 10.51
C ILE A 187 -45.91 -1.71 10.85
N MET A 188 -45.52 -0.83 9.95
CA MET A 188 -44.32 -0.03 10.09
C MET A 188 -44.45 1.08 11.14
N ARG A 189 -45.65 1.29 11.66
CA ARG A 189 -45.88 2.32 12.66
C ARG A 189 -46.28 1.76 14.02
N SER A 190 -46.39 0.44 14.12
CA SER A 190 -46.77 -0.20 15.37
C SER A 190 -45.57 -0.79 16.11
N PRO A 191 -45.00 -0.03 17.05
CA PRO A 191 -43.84 -0.45 17.84
C PRO A 191 -44.05 -1.79 18.54
N GLN A 192 -45.31 -2.19 18.70
CA GLN A 192 -45.63 -3.44 19.35
C GLN A 192 -45.61 -4.58 18.34
N MET A 193 -46.23 -4.35 17.19
CA MET A 193 -46.29 -5.35 16.12
C MET A 193 -44.88 -5.70 15.65
N VAL A 194 -44.03 -4.68 15.51
CA VAL A 194 -42.66 -4.89 15.06
C VAL A 194 -41.90 -5.75 16.05
N SER A 195 -41.76 -5.25 17.29
CA SER A 195 -41.06 -5.97 18.34
C SER A 195 -41.53 -7.41 18.41
N ALA A 196 -42.80 -7.63 18.10
CA ALA A 196 -43.37 -8.98 18.13
C ALA A 196 -42.74 -9.81 17.01
N ILE A 197 -42.70 -9.23 15.81
CA ILE A 197 -42.13 -9.91 14.64
C ILE A 197 -40.66 -10.24 14.87
N VAL A 198 -39.91 -9.28 15.42
CA VAL A 198 -38.49 -9.48 15.69
C VAL A 198 -38.36 -10.67 16.64
N ARG A 199 -39.06 -10.58 17.76
CA ARG A 199 -39.07 -11.61 18.78
C ARG A 199 -39.34 -12.98 18.17
N THR A 200 -40.49 -13.10 17.51
CA THR A 200 -40.91 -14.33 16.86
C THR A 200 -39.83 -14.92 15.94
N MET A 201 -39.19 -14.07 15.17
CA MET A 201 -38.16 -14.50 14.23
C MET A 201 -36.93 -15.15 14.88
N GLN A 202 -36.52 -14.60 16.02
CA GLN A 202 -35.34 -15.11 16.72
C GLN A 202 -35.63 -16.26 17.68
N ASN A 203 -36.91 -16.55 17.90
CA ASN A 203 -37.29 -17.63 18.80
C ASN A 203 -37.98 -18.79 18.09
N THR A 204 -38.42 -18.54 16.85
CA THR A 204 -39.10 -19.58 16.07
C THR A 204 -38.13 -20.64 15.54
N ASN A 205 -38.60 -21.88 15.52
CA ASN A 205 -37.80 -23.00 15.04
C ASN A 205 -38.41 -23.59 13.77
N ASP A 206 -39.33 -22.84 13.16
CA ASP A 206 -39.97 -23.28 11.93
C ASP A 206 -39.38 -22.52 10.75
N VAL A 207 -38.89 -23.26 9.77
CA VAL A 207 -38.28 -22.68 8.58
C VAL A 207 -39.19 -21.70 7.83
N GLU A 208 -40.50 -21.90 7.94
CA GLU A 208 -41.45 -21.03 7.27
C GLU A 208 -41.72 -19.75 8.06
N THR A 209 -41.81 -19.88 9.37
CA THR A 209 -42.05 -18.72 10.22
C THR A 209 -40.88 -17.76 10.08
N ALA A 210 -39.68 -18.32 10.07
CA ALA A 210 -38.46 -17.52 9.93
C ALA A 210 -38.43 -16.78 8.60
N ARG A 211 -38.53 -17.53 7.52
CA ARG A 211 -38.51 -16.95 6.18
C ARG A 211 -39.57 -15.87 6.02
N CYS A 212 -40.68 -16.01 6.74
CA CYS A 212 -41.76 -15.04 6.67
C CYS A 212 -41.46 -13.85 7.58
N THR A 213 -41.14 -14.12 8.83
CA THR A 213 -40.82 -13.05 9.76
C THR A 213 -39.64 -12.24 9.22
N SER A 214 -38.64 -12.94 8.72
CA SER A 214 -37.46 -12.29 8.15
C SER A 214 -37.86 -11.55 6.89
N GLY A 215 -38.59 -12.24 6.01
CA GLY A 215 -39.03 -11.63 4.78
C GLY A 215 -39.82 -10.36 5.03
N THR A 216 -40.63 -10.39 6.09
CA THR A 216 -41.44 -9.24 6.45
C THR A 216 -40.53 -8.06 6.76
N LEU A 217 -39.64 -8.25 7.74
CA LEU A 217 -38.71 -7.21 8.14
C LEU A 217 -37.95 -6.66 6.94
N HIS A 218 -37.87 -7.47 5.87
CA HIS A 218 -37.19 -7.05 4.66
C HIS A 218 -38.02 -6.00 3.93
N ASN A 219 -39.30 -6.31 3.72
CA ASN A 219 -40.20 -5.39 3.03
C ASN A 219 -40.42 -4.13 3.85
N LEU A 220 -39.98 -4.15 5.10
CA LEU A 220 -40.13 -3.00 5.99
C LEU A 220 -38.89 -2.12 5.96
N SER A 221 -37.72 -2.74 5.83
CA SER A 221 -36.47 -2.02 5.79
C SER A 221 -36.41 -1.03 4.63
N HIS A 222 -37.14 -1.33 3.58
CA HIS A 222 -37.17 -0.45 2.40
C HIS A 222 -37.72 0.93 2.75
N HIS A 223 -38.11 1.11 4.01
CA HIS A 223 -38.66 2.39 4.45
C HIS A 223 -37.95 2.94 5.68
N ARG A 224 -37.74 4.25 5.69
CA ARG A 224 -37.07 4.94 6.79
C ARG A 224 -37.72 4.61 8.12
N GLU A 225 -39.05 4.66 8.16
CA GLU A 225 -39.80 4.36 9.37
C GLU A 225 -39.52 2.93 9.79
N GLY A 226 -39.57 2.02 8.83
CA GLY A 226 -39.33 0.61 9.10
C GLY A 226 -37.97 0.38 9.73
N LEU A 227 -36.93 0.93 9.11
CA LEU A 227 -35.58 0.78 9.63
C LEU A 227 -35.56 1.26 11.08
N LEU A 228 -36.09 2.47 11.31
CA LEU A 228 -36.14 3.04 12.64
C LEU A 228 -36.89 2.11 13.58
N ALA A 229 -37.99 1.54 13.10
CA ALA A 229 -38.80 0.64 13.89
C ALA A 229 -37.99 -0.60 14.29
N ILE A 230 -37.54 -1.35 13.29
CA ILE A 230 -36.75 -2.55 13.52
C ILE A 230 -35.59 -2.24 14.46
N PHE A 231 -34.98 -1.08 14.25
CA PHE A 231 -33.84 -0.65 15.06
C PHE A 231 -34.26 -0.40 16.50
N LYS A 232 -35.46 0.16 16.69
CA LYS A 232 -35.97 0.45 18.02
C LYS A 232 -36.49 -0.81 18.71
N SER A 233 -36.99 -1.75 17.92
CA SER A 233 -37.53 -2.99 18.47
C SER A 233 -36.43 -4.03 18.69
N GLY A 234 -35.19 -3.65 18.38
CA GLY A 234 -34.08 -4.57 18.56
C GLY A 234 -34.10 -5.71 17.55
N GLY A 235 -34.00 -5.36 16.28
CA GLY A 235 -33.99 -6.37 15.23
C GLY A 235 -32.59 -6.74 14.79
N ILE A 236 -31.67 -5.79 14.85
CA ILE A 236 -30.29 -6.03 14.45
C ILE A 236 -29.76 -7.29 15.15
N PRO A 237 -29.85 -7.35 16.49
CA PRO A 237 -29.36 -8.52 17.22
C PRO A 237 -29.94 -9.82 16.66
N ALA A 238 -31.27 -9.90 16.65
CA ALA A 238 -31.95 -11.09 16.14
C ALA A 238 -31.51 -11.40 14.71
N LEU A 239 -31.41 -10.35 13.89
CA LEU A 239 -30.99 -10.52 12.50
C LEU A 239 -29.60 -11.13 12.43
N VAL A 240 -28.70 -10.63 13.28
CA VAL A 240 -27.33 -11.14 13.31
C VAL A 240 -27.37 -12.64 13.58
N ASN A 241 -28.15 -13.02 14.59
CA ASN A 241 -28.31 -14.42 14.96
C ASN A 241 -28.94 -15.19 13.82
N MET A 242 -29.66 -14.48 12.95
CA MET A 242 -30.32 -15.10 11.82
C MET A 242 -29.33 -15.45 10.71
N LEU A 243 -28.17 -14.82 10.75
CA LEU A 243 -27.13 -15.07 9.76
C LEU A 243 -26.55 -16.47 9.95
N GLY A 244 -26.77 -17.03 11.13
CA GLY A 244 -26.27 -18.37 11.42
C GLY A 244 -27.23 -19.43 10.90
N SER A 245 -28.43 -18.99 10.52
CA SER A 245 -29.45 -19.89 10.00
C SER A 245 -28.94 -20.71 8.82
N PRO A 246 -29.29 -22.00 8.79
CA PRO A 246 -28.85 -22.89 7.70
C PRO A 246 -29.72 -22.71 6.45
N VAL A 247 -30.81 -21.98 6.59
CA VAL A 247 -31.72 -21.73 5.47
C VAL A 247 -31.23 -20.58 4.60
N ASP A 248 -31.16 -20.83 3.29
CA ASP A 248 -30.70 -19.83 2.34
C ASP A 248 -31.60 -18.59 2.33
N SER A 249 -32.81 -18.75 1.78
CA SER A 249 -33.76 -17.65 1.70
C SER A 249 -33.71 -16.77 2.94
N VAL A 250 -33.74 -17.40 4.11
CA VAL A 250 -33.68 -16.67 5.37
C VAL A 250 -32.43 -15.79 5.43
N LEU A 251 -31.28 -16.40 5.20
CA LEU A 251 -30.02 -15.67 5.23
C LEU A 251 -30.04 -14.49 4.28
N PHE A 252 -30.61 -14.71 3.09
CA PHE A 252 -30.70 -13.65 2.08
C PHE A 252 -31.36 -12.41 2.67
N HIS A 253 -32.64 -12.54 3.02
CA HIS A 253 -33.38 -11.43 3.60
C HIS A 253 -32.68 -10.90 4.84
N ALA A 254 -32.08 -11.80 5.59
CA ALA A 254 -31.38 -11.44 6.82
C ALA A 254 -30.27 -10.43 6.54
N ILE A 255 -29.27 -10.86 5.76
CA ILE A 255 -28.14 -10.02 5.42
C ILE A 255 -28.60 -8.73 4.72
N THR A 256 -29.63 -8.87 3.88
CA THR A 256 -30.17 -7.72 3.16
C THR A 256 -30.64 -6.64 4.13
N THR A 257 -31.59 -6.99 4.98
CA THR A 257 -32.12 -6.05 5.96
C THR A 257 -30.99 -5.37 6.72
N LEU A 258 -29.96 -6.15 7.06
CA LEU A 258 -28.82 -5.61 7.78
C LEU A 258 -28.09 -4.58 6.92
N HIS A 259 -27.95 -4.89 5.64
CA HIS A 259 -27.28 -4.00 4.70
C HIS A 259 -27.97 -2.65 4.67
N ASN A 260 -29.29 -2.66 4.62
CA ASN A 260 -30.08 -1.42 4.59
C ASN A 260 -29.84 -0.60 5.85
N LEU A 261 -29.92 -1.26 7.01
CA LEU A 261 -29.72 -0.60 8.29
C LEU A 261 -28.31 -0.02 8.38
N LEU A 262 -27.34 -0.73 7.83
CA LEU A 262 -25.95 -0.28 7.85
C LEU A 262 -25.76 0.92 6.94
N LEU A 263 -26.66 1.09 5.98
CA LEU A 263 -26.57 2.19 5.03
C LEU A 263 -27.36 3.43 5.42
N HIS A 264 -28.58 3.22 5.91
CA HIS A 264 -29.45 4.34 6.25
C HIS A 264 -29.79 4.54 7.72
N GLN A 265 -29.73 3.46 8.52
CA GLN A 265 -30.06 3.59 9.93
C GLN A 265 -28.90 4.07 10.79
N GLU A 266 -29.06 5.24 11.38
CA GLU A 266 -28.04 5.83 12.23
C GLU A 266 -27.78 4.92 13.43
N GLY A 267 -26.53 4.91 13.90
CA GLY A 267 -26.17 4.09 15.03
C GLY A 267 -26.25 2.60 14.77
N ALA A 268 -26.89 2.22 13.67
CA ALA A 268 -27.02 0.80 13.32
C ALA A 268 -25.67 0.11 13.35
N LYS A 269 -24.66 0.77 12.80
CA LYS A 269 -23.31 0.21 12.77
C LYS A 269 -22.84 -0.15 14.18
N MET A 270 -22.75 0.86 15.03
CA MET A 270 -22.33 0.67 16.41
C MET A 270 -23.05 -0.51 17.04
N ALA A 271 -24.28 -0.74 16.58
CA ALA A 271 -25.10 -1.83 17.09
C ALA A 271 -24.64 -3.19 16.56
N VAL A 272 -24.67 -3.35 15.25
CA VAL A 272 -24.26 -4.60 14.60
C VAL A 272 -22.95 -5.16 15.15
N ARG A 273 -22.02 -4.27 15.47
CA ARG A 273 -20.73 -4.69 16.00
C ARG A 273 -20.90 -5.39 17.35
N LEU A 274 -21.63 -4.76 18.25
CA LEU A 274 -21.87 -5.31 19.58
C LEU A 274 -22.61 -6.63 19.52
N ALA A 275 -23.30 -6.88 18.42
CA ALA A 275 -24.06 -8.12 18.24
C ALA A 275 -23.21 -9.22 17.65
N GLY A 276 -21.92 -8.92 17.45
CA GLY A 276 -21.02 -9.90 16.89
C GLY A 276 -21.41 -10.32 15.48
N GLY A 277 -21.78 -9.34 14.67
CA GLY A 277 -22.18 -9.64 13.30
C GLY A 277 -20.97 -9.94 12.44
N LEU A 278 -19.94 -9.12 12.56
CA LEU A 278 -18.71 -9.27 11.80
C LEU A 278 -18.35 -10.73 11.56
N GLN A 279 -18.05 -11.45 12.65
CA GLN A 279 -17.69 -12.86 12.56
C GLN A 279 -18.70 -13.63 11.72
N LYS A 280 -19.95 -13.61 12.15
CA LYS A 280 -21.03 -14.30 11.45
C LYS A 280 -21.11 -13.93 9.97
N MET A 281 -20.78 -12.68 9.66
CA MET A 281 -20.81 -12.20 8.29
C MET A 281 -19.62 -12.76 7.51
N VAL A 282 -18.45 -12.74 8.14
CA VAL A 282 -17.25 -13.25 7.53
C VAL A 282 -17.41 -14.75 7.27
N ALA A 283 -18.08 -15.43 8.19
CA ALA A 283 -18.31 -16.86 8.06
C ALA A 283 -19.14 -17.16 6.82
N LEU A 284 -20.08 -16.27 6.50
CA LEU A 284 -20.95 -16.44 5.34
C LEU A 284 -20.18 -16.37 4.03
N LEU A 285 -18.95 -15.86 4.10
CA LEU A 285 -18.11 -15.73 2.91
C LEU A 285 -17.83 -17.07 2.24
N ASN A 286 -18.31 -18.15 2.85
CA ASN A 286 -18.10 -19.49 2.31
C ASN A 286 -19.19 -19.89 1.32
N LYS A 287 -20.26 -19.09 1.26
CA LYS A 287 -21.36 -19.37 0.33
C LYS A 287 -20.85 -19.37 -1.10
N THR A 288 -21.76 -19.45 -2.06
CA THR A 288 -21.38 -19.46 -3.46
C THR A 288 -22.19 -18.48 -4.30
N ASN A 289 -23.28 -17.98 -3.74
CA ASN A 289 -24.12 -17.02 -4.46
C ASN A 289 -23.39 -15.68 -4.58
N VAL A 290 -22.91 -15.38 -5.78
CA VAL A 290 -22.18 -14.15 -6.02
C VAL A 290 -22.90 -12.90 -5.49
N LYS A 291 -24.12 -12.67 -5.96
CA LYS A 291 -24.89 -11.52 -5.53
C LYS A 291 -25.06 -11.48 -4.01
N PHE A 292 -24.96 -12.64 -3.37
CA PHE A 292 -25.08 -12.73 -1.92
C PHE A 292 -23.76 -12.30 -1.30
N LEU A 293 -22.67 -12.88 -1.81
CA LEU A 293 -21.33 -12.57 -1.33
C LEU A 293 -21.10 -11.06 -1.36
N ALA A 294 -21.53 -10.43 -2.44
CA ALA A 294 -21.38 -8.99 -2.61
C ALA A 294 -22.03 -8.25 -1.45
N ILE A 295 -23.30 -8.54 -1.20
CA ILE A 295 -24.03 -7.88 -0.12
C ILE A 295 -23.27 -8.03 1.20
N THR A 296 -22.88 -9.25 1.52
CA THR A 296 -22.16 -9.52 2.76
C THR A 296 -20.84 -8.77 2.81
N THR A 297 -20.01 -8.96 1.78
CA THR A 297 -18.72 -8.31 1.71
C THR A 297 -18.85 -6.80 1.88
N ASP A 298 -19.83 -6.21 1.22
CA ASP A 298 -20.06 -4.78 1.32
C ASP A 298 -20.31 -4.38 2.76
N CYS A 299 -20.96 -5.26 3.51
CA CYS A 299 -21.24 -5.00 4.91
C CYS A 299 -19.93 -4.98 5.68
N LEU A 300 -19.07 -5.96 5.41
CA LEU A 300 -17.78 -6.05 6.06
C LEU A 300 -16.98 -4.78 5.77
N GLN A 301 -17.32 -4.13 4.67
CA GLN A 301 -16.65 -2.90 4.26
C GLN A 301 -17.21 -1.72 5.04
N ILE A 302 -18.53 -1.62 5.09
CA ILE A 302 -19.20 -0.52 5.80
C ILE A 302 -18.90 -0.54 7.29
N LEU A 303 -18.59 -1.73 7.82
CA LEU A 303 -18.31 -1.88 9.24
C LEU A 303 -16.85 -1.73 9.60
N ALA A 304 -15.96 -1.96 8.64
CA ALA A 304 -14.53 -1.87 8.88
C ALA A 304 -13.97 -0.47 8.65
N TYR A 305 -14.47 0.21 7.62
CA TYR A 305 -14.01 1.56 7.28
C TYR A 305 -13.85 2.49 8.47
N GLY A 306 -12.62 2.91 8.73
CA GLY A 306 -12.35 3.82 9.83
C GLY A 306 -12.64 3.24 11.21
N ASN A 307 -12.44 1.94 11.37
CA ASN A 307 -12.68 1.28 12.65
C ASN A 307 -11.71 0.12 12.84
N GLN A 308 -10.73 0.30 13.72
CA GLN A 308 -9.74 -0.73 13.98
C GLN A 308 -10.36 -2.00 14.55
N GLU A 309 -11.13 -1.85 15.62
CA GLU A 309 -11.77 -2.99 16.26
C GLU A 309 -12.34 -3.95 15.23
N SER A 310 -13.29 -3.45 14.44
CA SER A 310 -13.93 -4.25 13.40
C SER A 310 -12.90 -4.95 12.53
N LYS A 311 -11.92 -4.19 12.06
CA LYS A 311 -10.87 -4.72 11.20
C LYS A 311 -10.17 -5.90 11.88
N LEU A 312 -9.85 -5.73 13.17
CA LEU A 312 -9.18 -6.77 13.94
C LEU A 312 -10.04 -8.02 13.98
N ILE A 313 -11.32 -7.85 14.26
CA ILE A 313 -12.25 -8.96 14.34
C ILE A 313 -12.29 -9.72 13.01
N ILE A 314 -12.34 -8.99 11.91
CA ILE A 314 -12.36 -9.61 10.60
C ILE A 314 -11.07 -10.39 10.39
N LEU A 315 -10.04 -9.98 11.14
CA LEU A 315 -8.74 -10.63 11.05
C LEU A 315 -8.74 -11.89 11.91
N ALA A 316 -9.35 -11.81 13.09
CA ALA A 316 -9.43 -12.92 14.01
C ALA A 316 -10.51 -13.91 13.57
N SER A 317 -11.13 -13.63 12.43
CA SER A 317 -12.19 -14.48 11.89
C SER A 317 -11.72 -15.18 10.61
N GLY A 318 -10.51 -14.85 10.17
CA GLY A 318 -9.98 -15.45 8.97
C GLY A 318 -10.49 -14.76 7.72
N GLY A 319 -10.98 -13.54 7.89
CA GLY A 319 -11.50 -12.78 6.76
C GLY A 319 -10.54 -12.69 5.59
N PRO A 320 -9.28 -12.30 5.83
CA PRO A 320 -8.28 -12.18 4.76
C PRO A 320 -8.30 -13.36 3.79
N GLN A 321 -7.88 -14.53 4.27
CA GLN A 321 -7.85 -15.73 3.45
C GLN A 321 -9.19 -15.96 2.78
N ALA A 322 -10.26 -15.60 3.49
CA ALA A 322 -11.61 -15.76 2.96
C ALA A 322 -11.82 -14.84 1.76
N LEU A 323 -11.53 -13.56 1.97
CA LEU A 323 -11.68 -12.56 0.91
C LEU A 323 -10.83 -12.92 -0.31
N VAL A 324 -9.55 -13.18 -0.07
CA VAL A 324 -8.63 -13.54 -1.14
C VAL A 324 -9.18 -14.65 -2.01
N ASN A 325 -9.66 -15.72 -1.38
CA ASN A 325 -10.22 -16.85 -2.09
C ASN A 325 -11.24 -16.39 -3.12
N ILE A 326 -12.00 -15.36 -2.77
CA ILE A 326 -13.01 -14.82 -3.67
C ILE A 326 -12.36 -14.21 -4.90
N MET A 327 -11.41 -13.31 -4.68
CA MET A 327 -10.70 -12.64 -5.77
C MET A 327 -10.06 -13.66 -6.72
N ARG A 328 -9.71 -14.82 -6.17
CA ARG A 328 -9.06 -15.87 -6.96
C ARG A 328 -10.03 -17.00 -7.31
N THR A 329 -11.32 -16.70 -7.38
CA THR A 329 -12.30 -17.73 -7.70
C THR A 329 -13.45 -17.28 -8.59
N TYR A 330 -14.09 -16.16 -8.24
CA TYR A 330 -15.22 -15.66 -9.01
C TYR A 330 -14.82 -14.61 -10.03
N THR A 331 -15.78 -14.24 -10.88
CA THR A 331 -15.54 -13.24 -11.91
C THR A 331 -16.60 -12.13 -11.87
N TYR A 332 -17.60 -12.29 -11.01
CA TYR A 332 -18.66 -11.31 -10.88
C TYR A 332 -18.04 -9.96 -10.54
N GLU A 333 -17.92 -9.11 -11.56
CA GLU A 333 -17.33 -7.79 -11.42
C GLU A 333 -17.74 -7.07 -10.13
N LYS A 334 -19.05 -6.91 -9.93
CA LYS A 334 -19.54 -6.23 -8.74
C LYS A 334 -19.02 -6.86 -7.45
N LEU A 335 -18.77 -8.16 -7.47
CA LEU A 335 -18.26 -8.85 -6.30
C LEU A 335 -16.82 -8.50 -6.04
N LEU A 336 -15.96 -8.78 -7.03
CA LEU A 336 -14.54 -8.49 -6.93
C LEU A 336 -14.32 -7.10 -6.37
N TRP A 337 -14.94 -6.10 -7.01
CA TRP A 337 -14.82 -4.72 -6.57
C TRP A 337 -15.13 -4.61 -5.08
N THR A 338 -16.36 -4.96 -4.72
CA THR A 338 -16.80 -4.90 -3.33
C THR A 338 -15.82 -5.65 -2.42
N THR A 339 -15.24 -6.72 -2.94
CA THR A 339 -14.29 -7.53 -2.18
C THR A 339 -12.97 -6.78 -1.98
N SER A 340 -12.41 -6.29 -3.08
CA SER A 340 -11.15 -5.55 -3.01
C SER A 340 -11.28 -4.40 -2.03
N ARG A 341 -12.42 -3.71 -2.09
CA ARG A 341 -12.66 -2.58 -1.21
C ARG A 341 -12.37 -2.97 0.24
N VAL A 342 -12.89 -4.12 0.65
CA VAL A 342 -12.68 -4.59 2.01
C VAL A 342 -11.18 -4.74 2.27
N LEU A 343 -10.47 -5.30 1.31
CA LEU A 343 -9.03 -5.47 1.43
C LEU A 343 -8.35 -4.12 1.57
N LYS A 344 -8.80 -3.15 0.77
CA LYS A 344 -8.24 -1.81 0.81
C LYS A 344 -8.30 -1.23 2.22
N VAL A 345 -9.45 -1.38 2.87
CA VAL A 345 -9.64 -0.86 4.22
C VAL A 345 -8.85 -1.67 5.24
N LEU A 346 -8.38 -2.84 4.83
CA LEU A 346 -7.60 -3.69 5.72
C LEU A 346 -6.11 -3.53 5.45
N SER A 347 -5.78 -3.13 4.23
CA SER A 347 -4.39 -2.94 3.83
C SER A 347 -3.74 -1.80 4.62
N VAL A 348 -4.59 -0.94 5.18
CA VAL A 348 -4.10 0.20 5.96
C VAL A 348 -3.74 -0.25 7.38
N CYS A 349 -4.32 -1.37 7.80
CA CYS A 349 -4.06 -1.91 9.14
C CYS A 349 -2.71 -2.62 9.20
N SER A 350 -1.90 -2.25 10.18
CA SER A 350 -0.58 -2.84 10.37
C SER A 350 -0.68 -4.30 10.78
N SER A 351 -1.88 -4.72 11.15
CA SER A 351 -2.11 -6.09 11.57
C SER A 351 -2.59 -6.97 10.42
N ASN A 352 -3.54 -6.45 9.65
CA ASN A 352 -4.08 -7.20 8.51
C ASN A 352 -3.15 -7.14 7.30
N LYS A 353 -2.38 -6.07 7.20
CA LYS A 353 -1.45 -5.90 6.09
C LYS A 353 -0.66 -7.18 5.82
N PRO A 354 0.16 -7.62 6.80
CA PRO A 354 0.94 -8.83 6.60
C PRO A 354 0.04 -10.06 6.44
N ALA A 355 -1.11 -10.02 7.08
CA ALA A 355 -2.06 -11.12 7.01
C ALA A 355 -2.56 -11.31 5.57
N ILE A 356 -2.94 -10.21 4.94
CA ILE A 356 -3.43 -10.24 3.58
C ILE A 356 -2.35 -10.79 2.64
N VAL A 357 -1.10 -10.57 3.03
CA VAL A 357 0.03 -11.03 2.23
C VAL A 357 0.20 -12.54 2.29
N GLU A 358 0.28 -13.08 3.51
CA GLU A 358 0.43 -14.53 3.69
C GLU A 358 -0.58 -15.30 2.86
N ALA A 359 -1.83 -14.85 2.90
CA ALA A 359 -2.90 -15.50 2.17
C ALA A 359 -2.67 -15.42 0.66
N GLY A 360 -1.72 -14.60 0.25
CA GLY A 360 -1.42 -14.45 -1.16
C GLY A 360 -2.32 -13.43 -1.81
N GLY A 361 -2.61 -12.35 -1.09
CA GLY A 361 -3.45 -11.30 -1.63
C GLY A 361 -2.83 -10.61 -2.82
N MET A 362 -1.52 -10.34 -2.72
CA MET A 362 -0.78 -9.69 -3.80
C MET A 362 -1.09 -10.38 -5.13
N GLN A 363 -0.74 -11.66 -5.22
CA GLN A 363 -0.98 -12.45 -6.41
C GLN A 363 -2.44 -12.33 -6.82
N ALA A 364 -3.32 -12.51 -5.83
CA ALA A 364 -4.75 -12.44 -6.06
C ALA A 364 -5.13 -11.14 -6.78
N LEU A 365 -4.87 -10.01 -6.11
CA LEU A 365 -5.18 -8.71 -6.68
C LEU A 365 -4.56 -8.54 -8.06
N GLY A 366 -3.33 -9.03 -8.21
CA GLY A 366 -2.64 -8.90 -9.49
C GLY A 366 -3.39 -9.56 -10.63
N LEU A 367 -4.40 -10.36 -10.30
CA LEU A 367 -5.18 -11.05 -11.32
C LEU A 367 -6.35 -10.22 -11.82
N HIS A 368 -6.29 -8.91 -11.61
CA HIS A 368 -7.37 -8.04 -12.06
C HIS A 368 -6.86 -6.68 -12.52
N LEU A 369 -5.55 -6.52 -12.57
CA LEU A 369 -4.96 -5.26 -12.99
C LEU A 369 -5.28 -4.94 -14.44
N THR A 370 -5.82 -5.92 -15.15
CA THR A 370 -6.15 -5.74 -16.56
C THR A 370 -7.66 -5.74 -16.82
N ASP A 371 -8.44 -5.98 -15.77
CA ASP A 371 -9.90 -6.01 -15.90
C ASP A 371 -10.45 -4.72 -16.49
N PRO A 372 -11.54 -4.83 -17.28
CA PRO A 372 -12.17 -3.66 -17.91
C PRO A 372 -12.74 -2.65 -16.92
N SER A 373 -13.16 -3.14 -15.75
CA SER A 373 -13.71 -2.26 -14.72
C SER A 373 -12.60 -1.44 -14.06
N GLN A 374 -12.42 -0.22 -14.55
CA GLN A 374 -11.39 0.67 -14.02
C GLN A 374 -11.42 0.80 -12.50
N ARG A 375 -12.62 0.88 -11.93
CA ARG A 375 -12.72 1.01 -10.49
C ARG A 375 -12.11 -0.20 -9.79
N LEU A 376 -12.27 -1.37 -10.39
CA LEU A 376 -11.72 -2.60 -9.82
C LEU A 376 -10.20 -2.56 -9.87
N VAL A 377 -9.67 -2.21 -11.04
CA VAL A 377 -8.23 -2.13 -11.22
C VAL A 377 -7.60 -1.13 -10.27
N GLN A 378 -8.20 0.05 -10.18
CA GLN A 378 -7.69 1.11 -9.32
C GLN A 378 -7.65 0.69 -7.86
N ASN A 379 -8.68 -0.03 -7.40
CA ASN A 379 -8.73 -0.48 -6.02
C ASN A 379 -7.65 -1.53 -5.77
N CYS A 380 -7.46 -2.44 -6.72
CA CYS A 380 -6.45 -3.47 -6.59
C CYS A 380 -5.08 -2.82 -6.50
N LEU A 381 -4.88 -1.77 -7.27
CA LEU A 381 -3.60 -1.05 -7.28
C LEU A 381 -3.30 -0.44 -5.92
N TRP A 382 -4.26 0.30 -5.37
CA TRP A 382 -4.07 0.92 -4.06
C TRP A 382 -3.74 -0.13 -3.01
N THR A 383 -4.62 -1.13 -2.88
CA THR A 383 -4.42 -2.20 -1.92
C THR A 383 -3.03 -2.81 -2.03
N LEU A 384 -2.54 -2.94 -3.26
CA LEU A 384 -1.22 -3.51 -3.48
C LEU A 384 -0.13 -2.64 -2.88
N ARG A 385 -0.14 -1.36 -3.22
CA ARG A 385 0.86 -0.43 -2.70
C ARG A 385 0.86 -0.42 -1.17
N ASN A 386 -0.26 -0.78 -0.57
CA ASN A 386 -0.37 -0.81 0.88
C ASN A 386 0.15 -2.12 1.46
N LEU A 387 0.51 -3.05 0.59
CA LEU A 387 1.01 -4.34 1.02
C LEU A 387 2.41 -4.63 0.46
N SER A 388 2.76 -3.90 -0.60
CA SER A 388 4.05 -4.08 -1.26
C SER A 388 5.24 -3.96 -0.30
N ASP A 389 5.19 -3.01 0.62
CA ASP A 389 6.29 -2.82 1.57
C ASP A 389 6.33 -3.92 2.61
N ALA A 390 5.76 -5.08 2.29
CA ALA A 390 5.75 -6.21 3.20
C ALA A 390 5.91 -7.52 2.44
N ALA A 391 5.33 -7.60 1.26
CA ALA A 391 5.40 -8.79 0.42
C ALA A 391 6.78 -8.91 -0.24
N THR A 392 7.77 -8.29 0.37
CA THR A 392 9.13 -8.32 -0.15
C THR A 392 9.73 -9.71 0.02
N LYS A 393 8.94 -10.64 0.54
CA LYS A 393 9.41 -12.01 0.76
C LYS A 393 8.41 -13.02 0.23
N GLN A 394 7.67 -12.64 -0.80
CA GLN A 394 6.68 -13.51 -1.42
C GLN A 394 7.24 -14.22 -2.65
N GLU A 395 6.67 -15.37 -2.97
CA GLU A 395 7.11 -16.15 -4.13
C GLU A 395 5.99 -16.20 -5.16
N GLY A 396 6.35 -16.43 -6.42
CA GLY A 396 5.37 -16.49 -7.48
C GLY A 396 4.80 -15.12 -7.80
N MET A 397 5.70 -14.15 -7.94
CA MET A 397 5.30 -12.77 -8.24
C MET A 397 5.42 -12.46 -9.73
N GLU A 398 5.88 -13.44 -10.49
CA GLU A 398 6.07 -13.28 -11.93
C GLU A 398 4.93 -12.50 -12.58
N GLY A 399 3.73 -13.09 -12.57
CA GLY A 399 2.58 -12.43 -13.16
C GLY A 399 2.43 -10.99 -12.73
N LEU A 400 2.40 -10.78 -11.43
CA LEU A 400 2.25 -9.44 -10.86
C LEU A 400 3.36 -8.51 -11.37
N LEU A 401 4.59 -8.82 -11.00
CA LEU A 401 5.74 -8.02 -11.42
C LEU A 401 5.70 -7.74 -12.91
N GLY A 402 5.43 -8.79 -13.69
CA GLY A 402 5.37 -8.64 -15.13
C GLY A 402 4.26 -7.70 -15.54
N THR A 403 3.07 -7.89 -14.99
CA THR A 403 1.92 -7.06 -15.30
C THR A 403 2.14 -5.60 -14.90
N LEU A 404 2.71 -5.39 -13.72
CA LEU A 404 2.98 -4.04 -13.23
C LEU A 404 3.82 -3.26 -14.24
N VAL A 405 4.82 -3.92 -14.80
CA VAL A 405 5.70 -3.28 -15.78
C VAL A 405 4.87 -2.75 -16.93
N GLN A 406 3.84 -3.50 -17.32
CA GLN A 406 2.97 -3.09 -18.41
C GLN A 406 2.30 -1.76 -18.05
N LEU A 407 1.63 -1.74 -16.91
CA LEU A 407 0.93 -0.56 -16.44
C LEU A 407 1.77 0.71 -16.56
N LEU A 408 3.09 0.58 -16.48
CA LEU A 408 3.98 1.73 -16.60
C LEU A 408 3.79 2.43 -17.93
N GLY A 409 3.11 1.75 -18.86
CA GLY A 409 2.87 2.32 -20.17
C GLY A 409 1.43 2.72 -20.38
N SER A 410 0.64 2.69 -19.31
CA SER A 410 -0.78 3.06 -19.37
C SER A 410 -0.94 4.57 -19.55
N ASP A 411 -2.15 4.99 -19.92
CA ASP A 411 -2.44 6.39 -20.12
C ASP A 411 -2.77 7.12 -18.82
N ASP A 412 -3.41 6.41 -17.90
CA ASP A 412 -3.79 6.99 -16.62
C ASP A 412 -2.59 7.22 -15.72
N ILE A 413 -2.38 8.47 -15.31
CA ILE A 413 -1.27 8.83 -14.44
C ILE A 413 -1.26 7.98 -13.18
N ASN A 414 -2.43 7.85 -12.56
CA ASN A 414 -2.57 7.07 -11.34
C ASN A 414 -2.05 5.65 -11.55
N VAL A 415 -2.50 5.03 -12.63
CA VAL A 415 -2.08 3.67 -12.95
C VAL A 415 -0.56 3.59 -13.05
N VAL A 416 0.04 4.55 -13.75
CA VAL A 416 1.49 4.58 -13.90
C VAL A 416 2.15 4.77 -12.54
N THR A 417 1.69 5.77 -11.80
CA THR A 417 2.24 6.05 -10.48
C THR A 417 2.18 4.81 -9.59
N CYS A 418 0.98 4.38 -9.24
CA CYS A 418 0.83 3.20 -8.40
C CYS A 418 1.69 2.06 -8.92
N ALA A 419 1.71 1.87 -10.24
CA ALA A 419 2.51 0.82 -10.85
C ALA A 419 3.96 1.01 -10.44
N ALA A 420 4.45 2.24 -10.56
CA ALA A 420 5.82 2.55 -10.20
C ALA A 420 6.03 2.28 -8.72
N GLY A 421 5.18 2.88 -7.88
CA GLY A 421 5.29 2.70 -6.45
C GLY A 421 5.39 1.24 -6.05
N ILE A 422 4.46 0.42 -6.53
CA ILE A 422 4.44 -1.00 -6.20
C ILE A 422 5.77 -1.65 -6.57
N LEU A 423 6.22 -1.43 -7.81
CA LEU A 423 7.48 -2.00 -8.27
C LEU A 423 8.60 -1.59 -7.33
N SER A 424 8.70 -0.28 -7.07
CA SER A 424 9.73 0.25 -6.18
C SER A 424 9.81 -0.54 -4.89
N ASN A 425 8.65 -0.80 -4.29
CA ASN A 425 8.60 -1.54 -3.03
C ASN A 425 8.98 -3.00 -3.24
N LEU A 426 8.34 -3.65 -4.20
CA LEU A 426 8.62 -5.06 -4.48
C LEU A 426 10.05 -5.31 -4.95
N THR A 427 10.74 -4.27 -5.38
CA THR A 427 12.11 -4.41 -5.86
C THR A 427 13.11 -4.00 -4.80
N CYS A 428 12.63 -3.70 -3.60
CA CYS A 428 13.51 -3.28 -2.52
C CYS A 428 14.05 -4.49 -1.76
N ASN A 429 15.31 -4.83 -2.04
CA ASN A 429 15.97 -5.96 -1.40
C ASN A 429 15.27 -7.28 -1.71
N ASN A 430 15.48 -7.76 -2.94
CA ASN A 430 14.90 -9.01 -3.40
C ASN A 430 15.38 -9.28 -4.83
N TYR A 431 16.56 -9.88 -4.96
CA TYR A 431 17.11 -10.16 -6.27
C TYR A 431 16.18 -10.94 -7.19
N LYS A 432 15.40 -11.86 -6.62
CA LYS A 432 14.48 -12.65 -7.43
C LYS A 432 13.51 -11.74 -8.18
N ASN A 433 13.14 -10.63 -7.54
CA ASN A 433 12.23 -9.67 -8.14
C ASN A 433 12.96 -8.71 -9.06
N LYS A 434 14.15 -8.28 -8.64
CA LYS A 434 14.95 -7.36 -9.43
C LYS A 434 15.27 -7.95 -10.80
N MET A 435 15.77 -9.18 -10.81
CA MET A 435 16.12 -9.85 -12.05
C MET A 435 14.92 -9.98 -12.98
N MET A 436 13.78 -10.41 -12.43
CA MET A 436 12.57 -10.57 -13.21
C MET A 436 12.16 -9.28 -13.88
N VAL A 437 12.14 -8.19 -13.10
CA VAL A 437 11.78 -6.89 -13.65
C VAL A 437 12.71 -6.53 -14.80
N CYS A 438 13.96 -6.96 -14.70
CA CYS A 438 14.95 -6.69 -15.74
C CYS A 438 14.72 -7.58 -16.94
N GLN A 439 14.13 -8.74 -16.72
CA GLN A 439 13.86 -9.70 -17.78
C GLN A 439 12.52 -9.42 -18.45
N VAL A 440 11.93 -8.28 -18.14
CA VAL A 440 10.65 -7.88 -18.72
C VAL A 440 10.69 -6.45 -19.24
N GLY A 441 11.89 -5.88 -19.29
CA GLY A 441 12.04 -4.52 -19.77
C GLY A 441 11.77 -3.49 -18.69
N GLY A 442 11.87 -3.91 -17.44
CA GLY A 442 11.64 -3.01 -16.32
C GLY A 442 12.41 -1.72 -16.42
N ILE A 443 13.68 -1.81 -16.77
CA ILE A 443 14.52 -0.63 -16.90
C ILE A 443 13.94 0.31 -17.96
N GLU A 444 13.95 -0.14 -19.21
CA GLU A 444 13.44 0.65 -20.31
C GLU A 444 12.08 1.25 -19.94
N ALA A 445 11.21 0.43 -19.38
CA ALA A 445 9.88 0.88 -18.98
C ALA A 445 9.97 2.04 -17.99
N LEU A 446 10.72 1.83 -16.92
CA LEU A 446 10.89 2.86 -15.90
C LEU A 446 11.57 4.11 -16.47
N VAL A 447 12.63 3.90 -17.23
CA VAL A 447 13.35 5.02 -17.83
C VAL A 447 12.37 5.92 -18.58
N ARG A 448 11.43 5.30 -19.30
CA ARG A 448 10.44 6.07 -20.03
C ARG A 448 9.48 6.72 -19.05
N THR A 449 9.26 6.07 -17.92
CA THR A 449 8.36 6.59 -16.90
C THR A 449 8.91 7.89 -16.32
N VAL A 450 10.23 7.93 -16.14
CA VAL A 450 10.88 9.12 -15.60
C VAL A 450 10.91 10.20 -16.68
N LEU A 451 11.23 9.79 -17.89
CA LEU A 451 11.31 10.69 -19.03
C LEU A 451 9.92 11.15 -19.44
N ARG A 452 8.91 10.58 -18.81
CA ARG A 452 7.52 10.90 -19.09
C ARG A 452 6.93 11.75 -17.97
N ALA A 453 7.23 11.37 -16.74
CA ALA A 453 6.74 12.07 -15.55
C ALA A 453 7.03 13.56 -15.60
N GLY A 454 8.27 13.93 -15.88
CA GLY A 454 8.64 15.33 -15.93
C GLY A 454 8.99 15.87 -14.56
N ASP A 455 8.28 16.91 -14.13
CA ASP A 455 8.54 17.52 -12.83
C ASP A 455 7.76 16.79 -11.74
N ARG A 456 6.65 16.17 -12.14
CA ARG A 456 5.79 15.42 -11.23
C ARG A 456 6.58 14.38 -10.43
N GLU A 457 7.29 14.85 -9.41
CA GLU A 457 8.10 13.99 -8.57
C GLU A 457 7.28 12.88 -7.92
N ASP A 458 5.96 12.96 -8.09
CA ASP A 458 5.06 11.96 -7.54
C ASP A 458 5.22 10.67 -8.33
N ILE A 459 5.91 10.76 -9.45
CA ILE A 459 6.15 9.62 -10.31
C ILE A 459 7.63 9.31 -10.45
N THR A 460 8.46 10.36 -10.43
CA THR A 460 9.90 10.18 -10.57
C THR A 460 10.53 9.52 -9.34
N GLU A 461 10.16 9.98 -8.16
CA GLU A 461 10.72 9.42 -6.93
C GLU A 461 10.62 7.89 -6.89
N PRO A 462 9.40 7.35 -7.01
CA PRO A 462 9.26 5.90 -6.97
C PRO A 462 9.97 5.23 -8.14
N ALA A 463 9.87 5.86 -9.31
CA ALA A 463 10.50 5.34 -10.51
C ALA A 463 12.02 5.25 -10.34
N ILE A 464 12.62 6.35 -9.87
CA ILE A 464 14.06 6.38 -9.66
C ILE A 464 14.50 5.35 -8.63
N CYS A 465 13.77 5.26 -7.53
CA CYS A 465 14.11 4.28 -6.49
C CYS A 465 14.18 2.89 -7.10
N ALA A 466 13.20 2.58 -7.95
CA ALA A 466 13.15 1.27 -8.60
C ALA A 466 14.46 1.02 -9.34
N LEU A 467 14.84 1.96 -10.19
CA LEU A 467 16.07 1.85 -10.96
C LEU A 467 17.25 1.61 -10.03
N ARG A 468 17.28 2.33 -8.91
CA ARG A 468 18.35 2.19 -7.94
C ARG A 468 18.41 0.74 -7.46
N HIS A 469 17.26 0.20 -7.11
CA HIS A 469 17.16 -1.17 -6.63
C HIS A 469 17.52 -2.13 -7.75
N LEU A 470 17.17 -1.75 -8.98
CA LEU A 470 17.45 -2.60 -10.14
C LEU A 470 18.87 -2.44 -10.67
N THR A 471 19.70 -1.71 -9.94
CA THR A 471 21.08 -1.52 -10.37
C THR A 471 22.08 -1.86 -9.27
N SER A 472 21.70 -2.81 -8.40
CA SER A 472 22.59 -3.21 -7.32
C SER A 472 22.12 -4.47 -6.58
N ARG A 473 23.08 -5.26 -6.13
CA ARG A 473 22.83 -6.48 -5.38
C ARG A 473 22.01 -7.55 -6.10
N HIS A 474 22.51 -8.01 -7.25
CA HIS A 474 21.85 -9.06 -8.02
C HIS A 474 22.54 -9.28 -9.36
N GLN A 475 22.70 -10.53 -9.73
CA GLN A 475 23.36 -10.92 -10.97
C GLN A 475 23.25 -9.92 -12.12
N ASP A 476 22.07 -9.82 -12.71
CA ASP A 476 21.84 -8.91 -13.84
C ASP A 476 21.93 -7.43 -13.49
N ALA A 477 22.56 -7.11 -12.37
CA ALA A 477 22.71 -5.72 -11.96
C ALA A 477 23.48 -4.97 -13.03
N GLU A 478 24.69 -5.45 -13.32
CA GLU A 478 25.55 -4.84 -14.33
C GLU A 478 24.79 -4.63 -15.63
N MET A 479 23.93 -5.58 -15.96
CA MET A 479 23.12 -5.50 -17.17
C MET A 479 22.36 -4.18 -17.20
N ALA A 480 21.40 -4.06 -16.28
CA ALA A 480 20.57 -2.86 -16.17
C ALA A 480 21.42 -1.60 -16.17
N GLN A 481 22.54 -1.64 -15.46
CA GLN A 481 23.44 -0.49 -15.37
C GLN A 481 23.72 0.05 -16.77
N ASN A 482 23.98 -0.84 -17.72
CA ASN A 482 24.24 -0.43 -19.09
C ASN A 482 22.92 -0.04 -19.74
N ALA A 483 21.86 -0.74 -19.36
CA ALA A 483 20.53 -0.49 -19.90
C ALA A 483 20.10 0.97 -19.69
N VAL A 484 20.21 1.44 -18.45
CA VAL A 484 19.83 2.80 -18.12
C VAL A 484 20.47 3.81 -19.07
N ARG A 485 21.58 3.40 -19.67
CA ARG A 485 22.31 4.25 -20.60
C ARG A 485 21.88 4.03 -22.04
N LEU A 486 21.71 2.77 -22.44
CA LEU A 486 21.30 2.43 -23.80
C LEU A 486 19.92 2.97 -24.16
N HIS A 487 19.13 3.29 -23.14
CA HIS A 487 17.78 3.81 -23.36
C HIS A 487 17.74 5.31 -23.14
N TYR A 488 18.91 5.94 -23.19
CA TYR A 488 19.05 7.37 -22.99
C TYR A 488 18.47 7.82 -21.66
N GLY A 489 18.99 7.26 -20.57
CA GLY A 489 18.49 7.61 -19.25
C GLY A 489 19.43 8.53 -18.49
N LEU A 490 20.73 8.36 -18.69
CA LEU A 490 21.72 9.18 -18.01
C LEU A 490 21.38 10.67 -18.04
N PRO A 491 21.12 11.22 -19.23
CA PRO A 491 20.79 12.65 -19.35
C PRO A 491 19.67 13.10 -18.43
N VAL A 492 18.60 12.31 -18.35
CA VAL A 492 17.46 12.65 -17.51
C VAL A 492 17.72 12.36 -16.04
N VAL A 493 18.60 11.39 -15.77
CA VAL A 493 18.93 11.03 -14.40
C VAL A 493 19.74 12.14 -13.71
N VAL A 494 20.83 12.54 -14.34
CA VAL A 494 21.68 13.60 -13.79
C VAL A 494 20.89 14.89 -13.74
N LYS A 495 19.93 15.01 -14.65
CA LYS A 495 19.07 16.19 -14.75
C LYS A 495 18.29 16.43 -13.46
N LEU A 496 17.75 15.35 -12.90
CA LEU A 496 16.96 15.44 -11.66
C LEU A 496 17.77 15.99 -10.50
N LEU A 497 19.09 16.04 -10.63
CA LEU A 497 19.95 16.55 -9.57
C LEU A 497 19.76 18.04 -9.35
N HIS A 498 19.28 18.73 -10.38
CA HIS A 498 19.07 20.16 -10.33
C HIS A 498 17.61 20.52 -10.07
N PRO A 499 17.35 21.76 -9.63
CA PRO A 499 15.98 22.22 -9.34
C PRO A 499 15.05 22.01 -10.55
N PRO A 500 13.72 22.06 -10.30
CA PRO A 500 13.08 22.27 -9.01
C PRO A 500 13.12 21.05 -8.10
N SER A 501 13.70 19.97 -8.60
CA SER A 501 13.81 18.72 -7.85
C SER A 501 13.97 18.96 -6.35
N HIS A 502 13.23 18.20 -5.56
CA HIS A 502 13.28 18.33 -4.10
C HIS A 502 14.20 17.29 -3.48
N TRP A 503 14.64 17.57 -2.24
CA TRP A 503 15.55 16.68 -1.51
C TRP A 503 15.22 15.20 -1.62
N PRO A 504 13.97 14.81 -1.33
CA PRO A 504 13.63 13.38 -1.42
C PRO A 504 14.01 12.80 -2.78
N LEU A 505 13.68 13.52 -3.84
CA LEU A 505 13.99 13.07 -5.19
C LEU A 505 15.50 12.99 -5.36
N ILE A 506 16.18 14.07 -4.98
CA ILE A 506 17.63 14.12 -5.09
C ILE A 506 18.31 12.94 -4.41
N LYS A 507 18.00 12.71 -3.15
CA LYS A 507 18.58 11.60 -2.41
C LYS A 507 18.46 10.31 -3.22
N ALA A 508 17.23 9.99 -3.60
CA ALA A 508 16.97 8.78 -4.38
C ALA A 508 17.77 8.80 -5.67
N THR A 509 17.86 9.98 -6.29
CA THR A 509 18.60 10.13 -7.53
C THR A 509 20.10 9.89 -7.35
N VAL A 510 20.69 10.55 -6.35
CA VAL A 510 22.11 10.40 -6.07
C VAL A 510 22.43 8.91 -5.96
N GLY A 511 21.56 8.18 -5.29
CA GLY A 511 21.78 6.75 -5.12
C GLY A 511 21.85 6.06 -6.46
N LEU A 512 20.91 6.38 -7.35
CA LEU A 512 20.87 5.79 -8.68
C LEU A 512 22.18 6.04 -9.40
N ILE A 513 22.60 7.30 -9.46
CA ILE A 513 23.84 7.67 -10.13
C ILE A 513 25.00 6.82 -9.61
N ARG A 514 25.07 6.65 -8.29
CA ARG A 514 26.12 5.85 -7.70
C ARG A 514 26.21 4.50 -8.40
N ASN A 515 25.19 3.68 -8.21
CA ASN A 515 25.16 2.35 -8.81
C ASN A 515 25.45 2.42 -10.31
N LEU A 516 24.95 3.45 -10.97
CA LEU A 516 25.17 3.61 -12.40
C LEU A 516 26.66 3.83 -12.67
N ALA A 517 27.38 4.22 -11.63
CA ALA A 517 28.82 4.48 -11.73
C ALA A 517 29.61 3.19 -11.56
N LEU A 518 28.94 2.14 -11.09
CA LEU A 518 29.61 0.85 -10.90
C LEU A 518 30.06 0.32 -12.24
N CYS A 519 29.37 0.74 -13.30
CA CYS A 519 29.70 0.32 -14.65
C CYS A 519 30.62 1.34 -15.30
N PRO A 520 31.89 0.96 -15.54
CA PRO A 520 32.88 1.83 -16.15
C PRO A 520 32.47 2.36 -17.52
N ALA A 521 31.42 1.78 -18.08
CA ALA A 521 30.92 2.21 -19.38
C ALA A 521 30.10 3.49 -19.26
N ASN A 522 29.74 3.83 -18.03
CA ASN A 522 28.94 5.03 -17.78
C ASN A 522 29.81 6.17 -17.27
N HIS A 523 31.02 5.86 -16.85
CA HIS A 523 31.96 6.86 -16.34
C HIS A 523 32.02 8.11 -17.20
N ALA A 524 32.41 7.95 -18.46
CA ALA A 524 32.51 9.08 -19.37
C ALA A 524 31.15 9.71 -19.65
N PRO A 525 30.17 8.91 -20.12
CA PRO A 525 28.84 9.42 -20.41
C PRO A 525 28.21 10.16 -19.24
N LEU A 526 28.50 9.70 -18.03
CA LEU A 526 27.95 10.31 -16.82
C LEU A 526 28.69 11.59 -16.48
N ARG A 527 29.99 11.61 -16.71
CA ARG A 527 30.81 12.79 -16.42
C ARG A 527 30.47 13.93 -17.37
N GLU A 528 30.15 13.57 -18.61
CA GLU A 528 29.82 14.57 -19.63
C GLU A 528 28.52 15.31 -19.30
N GLN A 529 27.65 14.68 -18.52
CA GLN A 529 26.38 15.30 -18.15
C GLN A 529 26.55 16.28 -17.00
N GLY A 530 27.80 16.49 -16.58
CA GLY A 530 28.07 17.41 -15.50
C GLY A 530 27.49 16.93 -14.19
N ALA A 531 27.75 15.68 -13.85
CA ALA A 531 27.26 15.09 -12.62
C ALA A 531 28.20 15.41 -11.47
N ILE A 532 29.50 15.22 -11.70
CA ILE A 532 30.51 15.48 -10.68
C ILE A 532 30.35 16.89 -10.10
N PRO A 533 30.30 17.91 -10.95
CA PRO A 533 30.15 19.29 -10.46
C PRO A 533 28.98 19.45 -9.49
N ARG A 534 27.81 18.97 -9.90
CA ARG A 534 26.61 19.07 -9.07
C ARG A 534 26.73 18.27 -7.78
N LEU A 535 27.15 17.01 -7.89
CA LEU A 535 27.30 16.14 -6.73
C LEU A 535 28.19 16.83 -5.70
N VAL A 536 29.34 17.33 -6.15
CA VAL A 536 30.27 18.01 -5.28
C VAL A 536 29.57 19.21 -4.62
N GLN A 537 28.87 19.99 -5.43
CA GLN A 537 28.15 21.15 -4.96
C GLN A 537 27.17 20.76 -3.87
N LEU A 538 26.25 19.85 -4.19
CA LEU A 538 25.27 19.39 -3.23
C LEU A 538 25.96 19.00 -1.94
N LEU A 539 27.07 18.28 -2.07
CA LEU A 539 27.86 17.84 -0.92
C LEU A 539 28.25 19.03 -0.07
N VAL A 540 28.88 20.01 -0.71
CA VAL A 540 29.33 21.22 -0.02
C VAL A 540 28.21 21.87 0.79
N ARG A 541 27.17 22.31 0.10
CA ARG A 541 26.04 22.96 0.76
C ARG A 541 25.46 22.10 1.87
N ALA A 542 25.09 20.87 1.54
CA ALA A 542 24.51 19.96 2.51
C ALA A 542 25.43 19.84 3.73
N HIS A 543 26.73 19.74 3.47
CA HIS A 543 27.71 19.63 4.54
C HIS A 543 27.76 20.93 5.35
N GLN A 544 27.94 22.04 4.64
CA GLN A 544 28.00 23.36 5.27
C GLN A 544 26.75 23.55 6.12
N ASP A 545 25.70 22.83 5.78
CA ASP A 545 24.44 22.92 6.50
C ASP A 545 24.53 22.12 7.80
N THR A 546 25.16 20.96 7.73
CA THR A 546 25.31 20.11 8.92
C THR A 546 26.32 20.74 9.87
N GLN A 547 27.02 21.77 9.39
CA GLN A 547 28.00 22.48 10.19
C GLN A 547 27.35 23.65 10.92
N ARG A 548 26.38 24.28 10.26
CA ARG A 548 25.67 25.40 10.87
C ARG A 548 24.65 24.86 11.87
N ARG A 549 24.28 23.59 11.71
CA ARG A 549 23.32 22.94 12.60
C ARG A 549 23.94 22.72 13.98
N THR A 550 25.27 22.83 14.05
CA THR A 550 25.98 22.65 15.31
C THR A 550 25.87 23.91 16.16
N SER A 551 26.45 25.00 15.66
CA SER A 551 26.42 26.28 16.36
C SER A 551 25.01 26.86 16.40
N GLN A 558 18.26 17.71 12.75
CA GLN A 558 18.43 18.61 11.58
C GLN A 558 17.87 17.96 10.31
N PHE A 559 16.56 18.07 10.13
CA PHE A 559 15.90 17.50 8.97
C PHE A 559 15.37 18.58 8.04
N VAL A 560 15.15 18.21 6.78
CA VAL A 560 14.63 19.14 5.77
C VAL A 560 13.77 18.35 4.79
N GLU A 561 12.50 18.73 4.68
CA GLU A 561 11.57 18.05 3.78
C GLU A 561 11.59 16.55 4.04
N GLY A 562 12.07 16.16 5.22
CA GLY A 562 12.13 14.76 5.59
C GLY A 562 13.53 14.20 5.50
N VAL A 563 14.24 14.53 4.42
CA VAL A 563 15.60 14.06 4.21
C VAL A 563 16.61 14.94 4.94
N ARG A 564 17.35 14.35 5.88
CA ARG A 564 18.34 15.11 6.62
C ARG A 564 19.65 15.16 5.82
N MET A 565 20.25 16.34 5.77
CA MET A 565 21.48 16.55 5.02
C MET A 565 22.56 15.51 5.22
N GLU A 566 22.70 15.00 6.45
CA GLU A 566 23.71 13.99 6.73
C GLU A 566 23.64 12.87 5.72
N GLU A 567 22.43 12.60 5.23
CA GLU A 567 22.20 11.55 4.25
C GLU A 567 22.70 11.98 2.87
N ILE A 568 22.54 13.27 2.58
CA ILE A 568 22.99 13.80 1.30
C ILE A 568 24.50 13.73 1.20
N VAL A 569 25.17 13.91 2.34
CA VAL A 569 26.63 13.86 2.38
C VAL A 569 27.14 12.48 2.03
N GLU A 570 26.63 11.46 2.72
CA GLU A 570 27.05 10.08 2.48
C GLU A 570 26.83 9.67 1.02
N ALA A 571 25.63 9.90 0.52
CA ALA A 571 25.30 9.56 -0.86
C ALA A 571 26.24 10.21 -1.86
N CYS A 572 26.30 11.53 -1.85
CA CYS A 572 27.15 12.27 -2.77
C CYS A 572 28.60 11.78 -2.74
N THR A 573 29.19 11.78 -1.55
CA THR A 573 30.57 11.32 -1.41
C THR A 573 30.66 9.89 -1.93
N GLY A 574 29.79 9.02 -1.43
CA GLY A 574 29.78 7.64 -1.87
C GLY A 574 29.59 7.54 -3.37
N ALA A 575 28.90 8.52 -3.93
CA ALA A 575 28.64 8.55 -5.37
C ALA A 575 29.92 8.97 -6.07
N LEU A 576 30.70 9.82 -5.42
CA LEU A 576 31.95 10.30 -5.98
C LEU A 576 33.04 9.24 -5.84
N HIS A 577 33.00 8.49 -4.74
CA HIS A 577 33.97 7.43 -4.49
C HIS A 577 33.94 6.41 -5.63
N ILE A 578 32.74 5.97 -5.97
CA ILE A 578 32.55 4.99 -7.04
C ILE A 578 32.83 5.63 -8.40
N LEU A 579 32.42 6.88 -8.54
CA LEU A 579 32.60 7.60 -9.80
C LEU A 579 34.04 8.09 -9.96
N ALA A 580 34.87 7.81 -8.95
CA ALA A 580 36.27 8.24 -8.98
C ALA A 580 37.16 7.12 -9.48
N ARG A 581 36.56 6.09 -10.05
CA ARG A 581 37.33 4.95 -10.57
C ARG A 581 37.93 5.28 -11.92
N ASP A 582 37.52 6.40 -12.51
CA ASP A 582 38.04 6.82 -13.81
C ASP A 582 39.06 7.94 -13.63
N ILE A 583 40.24 7.74 -14.20
CA ILE A 583 41.31 8.73 -14.12
C ILE A 583 40.83 10.15 -14.39
N HIS A 584 40.14 10.34 -15.51
CA HIS A 584 39.64 11.65 -15.88
C HIS A 584 38.68 12.22 -14.83
N ASN A 585 37.82 11.36 -14.30
CA ASN A 585 36.87 11.79 -13.28
C ASN A 585 37.63 12.30 -12.05
N ARG A 586 38.71 11.61 -11.70
CA ARG A 586 39.52 12.00 -10.56
C ARG A 586 40.15 13.36 -10.78
N ILE A 587 40.50 13.65 -12.03
CA ILE A 587 41.09 14.93 -12.37
C ILE A 587 40.05 16.02 -12.17
N VAL A 588 38.79 15.70 -12.49
CA VAL A 588 37.69 16.64 -12.35
C VAL A 588 37.31 16.81 -10.88
N ILE A 589 37.07 15.69 -10.20
CA ILE A 589 36.70 15.71 -8.80
C ILE A 589 37.68 16.58 -8.02
N ARG A 590 38.97 16.31 -8.23
CA ARG A 590 40.04 17.05 -7.57
C ARG A 590 40.06 18.51 -8.01
N GLY A 591 39.91 18.72 -9.32
CA GLY A 591 39.94 20.07 -9.86
C GLY A 591 39.03 21.03 -9.11
N LEU A 592 37.87 20.55 -8.70
CA LEU A 592 36.91 21.37 -7.97
C LEU A 592 37.37 21.65 -6.55
N ASN A 593 38.64 21.35 -6.28
CA ASN A 593 39.22 21.57 -4.96
C ASN A 593 38.32 20.96 -3.89
N THR A 594 38.30 19.63 -3.84
CA THR A 594 37.47 18.92 -2.87
C THR A 594 38.33 18.16 -1.86
N ILE A 595 39.60 17.98 -2.21
CA ILE A 595 40.52 17.28 -1.33
C ILE A 595 40.46 17.78 0.11
N PRO A 596 40.47 19.12 0.30
CA PRO A 596 40.40 19.67 1.65
C PRO A 596 39.12 19.30 2.40
N LEU A 597 38.02 19.18 1.67
CA LEU A 597 36.74 18.84 2.28
C LEU A 597 36.67 17.37 2.68
N PHE A 598 36.99 16.48 1.74
CA PHE A 598 36.96 15.05 2.02
C PHE A 598 37.77 14.70 3.26
N VAL A 599 38.84 15.47 3.50
CA VAL A 599 39.69 15.24 4.66
C VAL A 599 38.91 15.54 5.93
N GLN A 600 38.15 16.63 5.91
CA GLN A 600 37.36 17.04 7.06
C GLN A 600 36.30 16.01 7.41
N LEU A 601 35.74 15.37 6.38
CA LEU A 601 34.70 14.37 6.58
C LEU A 601 35.23 13.15 7.34
N LEU A 602 36.55 13.02 7.40
CA LEU A 602 37.17 11.90 8.11
C LEU A 602 36.94 12.10 9.60
N TYR A 603 36.67 13.35 9.97
CA TYR A 603 36.43 13.73 11.36
C TYR A 603 34.96 13.61 11.73
N SER A 604 34.15 13.15 10.78
CA SER A 604 32.72 12.99 11.00
C SER A 604 32.43 11.89 12.01
N PRO A 605 31.38 12.08 12.83
CA PRO A 605 30.99 11.11 13.85
C PRO A 605 30.17 9.96 13.25
N ILE A 606 29.87 10.08 11.96
CA ILE A 606 29.10 9.06 11.26
C ILE A 606 30.00 8.15 10.43
N GLU A 607 30.09 6.90 10.82
CA GLU A 607 30.92 5.92 10.12
C GLU A 607 30.75 6.03 8.60
N ASN A 608 29.55 5.71 8.14
CA ASN A 608 29.23 5.73 6.72
C ASN A 608 29.87 6.88 5.97
N ILE A 609 29.92 8.05 6.60
CA ILE A 609 30.53 9.22 5.98
C ILE A 609 32.03 9.00 5.89
N GLN A 610 32.64 8.57 6.99
CA GLN A 610 34.07 8.31 7.03
C GLN A 610 34.43 7.31 5.95
N ARG A 611 33.67 6.23 5.86
CA ARG A 611 33.89 5.19 4.88
C ARG A 611 34.04 5.80 3.48
N VAL A 612 32.96 6.37 2.97
CA VAL A 612 32.97 6.98 1.65
C VAL A 612 34.00 8.10 1.57
N ALA A 613 34.25 8.75 2.70
CA ALA A 613 35.24 9.83 2.75
C ALA A 613 36.61 9.26 2.48
N ALA A 614 37.06 8.36 3.36
CA ALA A 614 38.36 7.74 3.20
C ALA A 614 38.39 7.03 1.85
N GLY A 615 37.22 6.60 1.40
CA GLY A 615 37.13 5.91 0.12
C GLY A 615 37.53 6.77 -1.06
N VAL A 616 36.89 7.92 -1.20
CA VAL A 616 37.19 8.82 -2.31
C VAL A 616 38.66 9.24 -2.27
N LEU A 617 39.20 9.42 -1.08
CA LEU A 617 40.60 9.79 -0.93
C LEU A 617 41.47 8.67 -1.47
N CYS A 618 41.04 7.43 -1.23
CA CYS A 618 41.75 6.25 -1.68
C CYS A 618 41.93 6.23 -3.19
N GLU A 619 40.82 6.38 -3.91
CA GLU A 619 40.86 6.38 -5.37
C GLU A 619 41.69 7.53 -5.90
N LEU A 620 41.73 8.63 -5.16
CA LEU A 620 42.50 9.80 -5.58
C LEU A 620 43.96 9.71 -5.15
N ALA A 621 44.21 8.95 -4.09
CA ALA A 621 45.56 8.79 -3.57
C ALA A 621 46.48 7.99 -4.48
N GLN A 622 45.92 7.36 -5.51
CA GLN A 622 46.73 6.57 -6.44
C GLN A 622 47.45 7.45 -7.47
N ASP A 623 47.38 8.77 -7.25
CA ASP A 623 48.04 9.73 -8.13
C ASP A 623 48.92 10.63 -7.28
N LYS A 624 50.24 10.50 -7.46
CA LYS A 624 51.21 11.29 -6.71
C LYS A 624 50.75 12.71 -6.37
N GLU A 625 50.44 13.48 -7.40
CA GLU A 625 50.00 14.86 -7.21
C GLU A 625 48.92 14.95 -6.14
N ALA A 626 47.82 14.23 -6.35
CA ALA A 626 46.71 14.22 -5.41
C ALA A 626 47.15 13.60 -4.09
N ALA A 627 48.08 12.65 -4.18
CA ALA A 627 48.60 11.98 -2.99
C ALA A 627 49.21 13.00 -2.05
N GLU A 628 50.19 13.75 -2.54
CA GLU A 628 50.86 14.76 -1.74
C GLU A 628 49.87 15.86 -1.37
N ALA A 629 48.89 16.08 -2.24
CA ALA A 629 47.87 17.10 -2.01
C ALA A 629 47.05 16.75 -0.77
N ILE A 630 46.78 15.46 -0.60
CA ILE A 630 46.02 14.98 0.55
C ILE A 630 46.89 14.97 1.81
N GLU A 631 48.18 14.71 1.63
CA GLU A 631 49.12 14.68 2.75
C GLU A 631 49.33 16.07 3.34
N ALA A 632 49.65 17.02 2.46
CA ALA A 632 49.88 18.40 2.88
C ALA A 632 48.64 18.97 3.55
N GLU A 633 47.49 18.36 3.30
CA GLU A 633 46.23 18.80 3.88
C GLU A 633 46.12 18.33 5.33
N GLY A 634 47.07 17.51 5.75
CA GLY A 634 47.06 17.00 7.10
C GLY A 634 46.19 15.78 7.28
N ALA A 635 46.15 14.92 6.27
CA ALA A 635 45.34 13.71 6.32
C ALA A 635 46.11 12.58 7.01
N THR A 636 47.43 12.71 7.06
CA THR A 636 48.26 11.69 7.68
C THR A 636 47.86 11.41 9.11
N ALA A 637 47.73 12.46 9.92
CA ALA A 637 47.37 12.31 11.32
C ALA A 637 46.04 11.57 11.52
N PRO A 638 44.94 12.10 10.94
CA PRO A 638 43.63 11.45 11.09
C PRO A 638 43.57 10.03 10.54
N LEU A 639 43.98 9.87 9.29
CA LEU A 639 43.96 8.55 8.65
C LEU A 639 44.67 7.50 9.49
N THR A 640 45.84 7.85 10.00
CA THR A 640 46.62 6.93 10.84
C THR A 640 45.79 6.40 12.00
N GLU A 641 44.77 7.16 12.39
CA GLU A 641 43.91 6.78 13.49
C GLU A 641 42.77 5.87 13.06
N LEU A 642 42.17 6.18 11.91
CA LEU A 642 41.06 5.41 11.38
C LEU A 642 41.43 3.94 11.21
N LEU A 643 42.69 3.61 11.45
CA LEU A 643 43.16 2.23 11.34
C LEU A 643 42.56 1.41 12.46
N HIS A 644 42.31 2.07 13.58
CA HIS A 644 41.73 1.42 14.76
C HIS A 644 40.21 1.49 14.71
N SER A 645 39.67 1.70 13.52
CA SER A 645 38.22 1.79 13.34
C SER A 645 37.60 0.40 13.32
N ARG A 646 36.43 0.28 13.94
CA ARG A 646 35.71 -0.99 14.01
C ARG A 646 34.90 -1.22 12.74
N ASN A 647 35.43 -0.78 11.62
CA ASN A 647 34.77 -0.95 10.33
C ASN A 647 35.76 -1.45 9.27
N GLU A 648 35.55 -2.70 8.85
CA GLU A 648 36.40 -3.33 7.85
C GLU A 648 36.82 -2.36 6.76
N GLY A 649 35.84 -1.67 6.18
CA GLY A 649 36.12 -0.72 5.13
C GLY A 649 36.96 0.47 5.56
N VAL A 650 36.43 1.25 6.49
CA VAL A 650 37.13 2.44 7.00
C VAL A 650 38.62 2.19 7.16
N ALA A 651 38.97 1.24 8.01
CA ALA A 651 40.36 0.91 8.26
C ALA A 651 41.12 0.68 6.94
N THR A 652 40.55 -0.17 6.09
CA THR A 652 41.17 -0.47 4.80
C THR A 652 41.49 0.80 4.03
N TYR A 653 40.45 1.52 3.60
CA TYR A 653 40.65 2.75 2.86
C TYR A 653 41.62 3.68 3.57
N ALA A 654 41.46 3.80 4.88
CA ALA A 654 42.35 4.65 5.67
C ALA A 654 43.80 4.25 5.42
N ALA A 655 44.11 2.98 5.64
CA ALA A 655 45.45 2.46 5.43
C ALA A 655 45.89 2.64 3.99
N ALA A 656 44.94 2.44 3.08
CA ALA A 656 45.22 2.57 1.65
C ALA A 656 45.81 3.94 1.31
N VAL A 657 45.18 5.00 1.82
CA VAL A 657 45.65 6.34 1.56
C VAL A 657 47.02 6.58 2.19
N LEU A 658 47.20 6.07 3.41
CA LEU A 658 48.47 6.22 4.11
C LEU A 658 49.60 5.66 3.26
N PHE A 659 49.41 4.44 2.78
CA PHE A 659 50.40 3.76 1.95
C PHE A 659 50.78 4.64 0.76
N ARG A 660 49.78 5.04 -0.01
CA ARG A 660 49.99 5.88 -1.19
C ARG A 660 50.86 7.10 -0.87
N MET A 661 50.53 7.80 0.21
CA MET A 661 51.28 8.99 0.61
C MET A 661 52.75 8.67 0.88
N SER A 662 52.98 7.86 1.89
CA SER A 662 54.34 7.49 2.28
C SER A 662 55.07 6.76 1.16
N GLU A 663 54.33 6.36 0.12
CA GLU A 663 54.94 5.67 -1.01
C GLU A 663 55.95 6.62 -1.64
N ASP A 664 57.20 6.16 -1.75
CA ASP A 664 58.28 6.95 -2.34
C ASP A 664 58.81 7.98 -1.35
N LYS A 665 59.03 7.53 -0.11
CA LYS A 665 59.55 8.37 0.96
C LYS A 665 60.82 7.67 1.46
N PRO A 666 61.55 8.27 2.42
CA PRO A 666 62.76 7.59 2.88
C PRO A 666 62.49 6.15 3.32
N GLN A 667 63.41 5.24 2.97
CA GLN A 667 63.28 3.83 3.32
C GLN A 667 63.06 3.62 4.81
N ASP A 668 63.10 4.70 5.58
CA ASP A 668 62.91 4.65 7.02
C ASP A 668 61.43 4.67 7.42
N TYR A 669 60.75 5.75 7.07
CA TYR A 669 59.33 5.91 7.40
C TYR A 669 58.46 4.79 6.85
N LYS A 670 58.56 4.54 5.54
CA LYS A 670 57.76 3.49 4.93
C LYS A 670 57.98 2.14 5.59
N LYS A 671 59.13 1.96 6.25
CA LYS A 671 59.38 0.69 6.91
C LYS A 671 58.55 0.65 8.19
N ARG A 672 58.62 1.72 8.98
CA ARG A 672 57.84 1.77 10.21
C ARG A 672 56.37 1.84 9.84
N LEU A 673 56.09 2.22 8.60
CA LEU A 673 54.72 2.34 8.11
C LEU A 673 54.15 0.93 7.92
N SER A 674 54.93 0.06 7.28
CA SER A 674 54.51 -1.31 7.01
C SER A 674 54.25 -2.07 8.29
N VAL A 675 54.96 -1.68 9.34
CA VAL A 675 54.82 -2.31 10.65
C VAL A 675 53.55 -1.78 11.30
N GLU A 676 53.41 -0.47 11.28
CA GLU A 676 52.26 0.20 11.85
C GLU A 676 50.96 -0.48 11.44
N LEU A 677 50.88 -0.82 10.16
CA LEU A 677 49.70 -1.45 9.57
C LEU A 677 49.51 -2.91 10.00
N THR A 678 50.62 -3.64 10.10
CA THR A 678 50.62 -5.05 10.49
C THR A 678 50.39 -5.22 12.00
N SER A 679 50.92 -4.28 12.79
CA SER A 679 50.83 -4.33 14.25
C SER A 679 49.50 -3.83 14.80
N SER A 680 49.16 -2.60 14.47
CA SER A 680 47.94 -1.97 14.94
C SER A 680 46.67 -2.66 14.46
N LEU A 681 46.78 -3.47 13.41
CA LEU A 681 45.62 -4.19 12.87
C LEU A 681 45.95 -5.62 12.49
#